data_2EO0
#
_entry.id   2EO0
#
_cell.length_a   44.661
_cell.length_b   49.326
_cell.length_c   69.894
_cell.angle_alpha   90.00
_cell.angle_beta   103.28
_cell.angle_gamma   90.00
#
_symmetry.space_group_name_H-M   'P 1 21 1'
#
_entity_poly.entity_id   1
_entity_poly.type   'polypeptide(L)'
_entity_poly.pdbx_seq_one_letter_code
;MYIVNSNKSRGSSVERYIVSRLRDKGFAVIRAPASGSKRKDHVPDIIALKSGVIILIEVKSRKNGQKIYIEKEQAEGIRE
FAKRSGGELFLGVKLPKMLRFIKFDMLRQTEGGNYAIDLETVEKGMELEDLVRYVESKISRTLDSFL
;
_entity_poly.pdbx_strand_id   A,B
#
# COMPACT_ATOMS: atom_id res chain seq x y z
N SER A 12 -18.49 -20.49 -5.47
CA SER A 12 -19.08 -20.71 -6.83
C SER A 12 -20.32 -19.86 -6.92
N SER A 13 -21.30 -20.15 -6.07
CA SER A 13 -22.52 -19.35 -6.04
C SER A 13 -22.08 -17.96 -5.58
N VAL A 14 -21.10 -17.94 -4.68
CA VAL A 14 -20.56 -16.69 -4.15
C VAL A 14 -19.86 -15.90 -5.26
N GLU A 15 -19.09 -16.61 -6.10
CA GLU A 15 -18.38 -16.00 -7.23
C GLU A 15 -19.40 -15.43 -8.20
N ARG A 16 -20.41 -16.25 -8.48
CA ARG A 16 -21.50 -15.91 -9.40
C ARG A 16 -22.22 -14.69 -8.88
N TYR A 17 -22.51 -14.70 -7.59
CA TYR A 17 -23.20 -13.56 -7.03
C TYR A 17 -22.28 -12.34 -7.15
N ILE A 18 -20.99 -12.51 -6.88
CA ILE A 18 -20.09 -11.37 -6.98
C ILE A 18 -20.04 -10.83 -8.41
N VAL A 19 -20.05 -11.75 -9.38
CA VAL A 19 -20.01 -11.39 -10.78
C VAL A 19 -21.22 -10.52 -11.07
N SER A 20 -22.41 -11.00 -10.71
CA SER A 20 -23.65 -10.25 -10.91
C SER A 20 -23.55 -8.82 -10.41
N ARG A 21 -23.04 -8.66 -9.19
CA ARG A 21 -22.94 -7.34 -8.64
C ARG A 21 -21.94 -6.44 -9.40
N LEU A 22 -20.84 -7.02 -9.85
CA LEU A 22 -19.83 -6.25 -10.58
C LEU A 22 -20.39 -5.83 -11.93
N ARG A 23 -21.13 -6.73 -12.57
CA ARG A 23 -21.73 -6.40 -13.86
C ARG A 23 -22.74 -5.29 -13.66
N ASP A 24 -23.58 -5.37 -12.63
CA ASP A 24 -24.57 -4.31 -12.38
C ASP A 24 -23.88 -2.97 -12.16
N LYS A 25 -22.68 -2.98 -11.61
CA LYS A 25 -21.99 -1.73 -11.35
C LYS A 25 -21.10 -1.31 -12.54
N GLY A 26 -21.42 -1.87 -13.70
CA GLY A 26 -20.70 -1.52 -14.91
C GLY A 26 -19.40 -2.22 -15.23
N PHE A 27 -19.07 -3.31 -14.56
CA PHE A 27 -17.81 -3.98 -14.88
C PHE A 27 -17.95 -4.93 -16.04
N ALA A 28 -16.81 -5.24 -16.66
CA ALA A 28 -16.74 -6.23 -17.74
C ALA A 28 -16.19 -7.36 -16.90
N VAL A 29 -16.94 -8.44 -16.78
CA VAL A 29 -16.50 -9.53 -15.90
C VAL A 29 -16.53 -10.93 -16.46
N ILE A 30 -15.53 -11.73 -16.12
CA ILE A 30 -15.51 -13.14 -16.54
C ILE A 30 -15.00 -14.08 -15.43
N ARG A 31 -15.31 -15.37 -15.55
CA ARG A 31 -14.92 -16.36 -14.55
C ARG A 31 -13.91 -17.42 -14.98
N ALA A 32 -13.97 -18.57 -14.31
CA ALA A 32 -13.04 -19.65 -14.58
C ALA A 32 -11.66 -19.13 -14.18
N LYS A 38 -7.33 -27.02 -15.98
CA LYS A 38 -5.91 -27.51 -16.12
C LYS A 38 -4.95 -26.68 -15.27
N ARG A 39 -4.93 -25.37 -15.52
CA ARG A 39 -4.07 -24.45 -14.77
C ARG A 39 -4.98 -23.64 -13.84
N LYS A 40 -6.19 -24.13 -13.71
CA LYS A 40 -7.22 -23.54 -12.90
C LYS A 40 -6.79 -22.96 -11.53
N ASP A 41 -6.07 -23.73 -10.71
CA ASP A 41 -5.67 -23.23 -9.40
C ASP A 41 -4.80 -22.00 -9.41
N HIS A 42 -4.19 -21.66 -10.53
CA HIS A 42 -3.37 -20.46 -10.57
C HIS A 42 -3.97 -19.30 -11.34
N VAL A 43 -5.28 -19.40 -11.63
CA VAL A 43 -5.97 -18.32 -12.31
C VAL A 43 -6.99 -17.73 -11.32
N PRO A 44 -6.97 -16.41 -11.12
CA PRO A 44 -7.94 -15.79 -10.19
C PRO A 44 -9.35 -16.26 -10.54
N ASP A 45 -10.19 -16.45 -9.52
CA ASP A 45 -11.53 -16.95 -9.78
C ASP A 45 -12.37 -15.96 -10.53
N ILE A 46 -12.09 -14.69 -10.29
CA ILE A 46 -12.82 -13.62 -10.92
C ILE A 46 -11.87 -12.58 -11.46
N ILE A 47 -12.13 -12.16 -12.68
CA ILE A 47 -11.34 -11.14 -13.33
C ILE A 47 -12.36 -10.10 -13.72
N ALA A 48 -12.20 -8.90 -13.14
CA ALA A 48 -13.13 -7.81 -13.37
C ALA A 48 -12.44 -6.55 -13.93
N LEU A 49 -12.93 -6.05 -15.06
CA LEU A 49 -12.37 -4.88 -15.70
C LEU A 49 -13.36 -3.73 -15.79
N LYS A 50 -12.85 -2.52 -15.62
CA LYS A 50 -13.68 -1.37 -15.72
C LYS A 50 -12.85 -0.14 -15.93
N SER A 51 -13.11 0.56 -17.02
CA SER A 51 -12.40 1.79 -17.33
C SER A 51 -10.87 1.69 -17.29
N GLY A 52 -10.30 0.60 -17.78
CA GLY A 52 -8.85 0.50 -17.75
C GLY A 52 -8.27 -0.06 -16.45
N VAL A 53 -9.08 -0.25 -15.40
CA VAL A 53 -8.55 -0.81 -14.16
C VAL A 53 -8.85 -2.31 -14.10
N ILE A 54 -7.85 -3.07 -13.68
CA ILE A 54 -7.94 -4.53 -13.60
C ILE A 54 -8.03 -5.00 -12.16
N ILE A 55 -9.08 -5.72 -11.81
CA ILE A 55 -9.15 -6.25 -10.44
C ILE A 55 -9.33 -7.76 -10.46
N LEU A 56 -8.42 -8.42 -9.76
CA LEU A 56 -8.42 -9.86 -9.68
C LEU A 56 -8.94 -10.30 -8.31
N ILE A 57 -9.81 -11.31 -8.31
CA ILE A 57 -10.34 -11.78 -7.06
C ILE A 57 -10.37 -13.28 -6.93
N GLU A 58 -9.77 -13.77 -5.86
CA GLU A 58 -9.74 -15.17 -5.55
C GLU A 58 -10.77 -15.30 -4.41
N VAL A 59 -11.73 -16.19 -4.58
CA VAL A 59 -12.76 -16.38 -3.59
C VAL A 59 -12.66 -17.70 -2.84
N LYS A 60 -12.66 -17.63 -1.52
CA LYS A 60 -12.59 -18.82 -0.68
C LYS A 60 -13.76 -18.83 0.28
N SER A 61 -14.20 -20.03 0.64
CA SER A 61 -15.29 -20.21 1.58
C SER A 61 -14.76 -20.85 2.86
N ARG A 62 -14.83 -20.12 3.97
CA ARG A 62 -14.34 -20.65 5.25
C ARG A 62 -15.45 -20.50 6.31
N LYS A 63 -15.71 -21.57 7.05
CA LYS A 63 -16.79 -21.51 8.04
C LYS A 63 -16.41 -21.77 9.49
N ASN A 64 -15.30 -21.20 9.98
CA ASN A 64 -14.87 -21.42 11.36
C ASN A 64 -14.02 -20.27 11.87
N GLY A 65 -12.96 -20.61 12.60
CA GLY A 65 -12.05 -19.61 13.12
C GLY A 65 -10.70 -19.83 12.47
N LYS A 67 -7.44 -18.05 11.84
CA LYS A 67 -6.53 -17.95 10.67
C LYS A 67 -7.00 -18.64 9.41
N ILE A 68 -6.97 -17.89 8.30
CA ILE A 68 -7.34 -18.41 7.00
C ILE A 68 -6.02 -18.74 6.31
N TYR A 69 -5.90 -19.98 5.84
CA TYR A 69 -4.69 -20.44 5.19
C TYR A 69 -4.86 -20.62 3.70
N ILE A 70 -3.87 -20.17 2.93
CA ILE A 70 -3.90 -20.37 1.51
C ILE A 70 -2.59 -21.03 1.13
N GLU A 71 -2.69 -22.13 0.38
CA GLU A 71 -1.55 -22.94 -0.06
C GLU A 71 -0.49 -22.17 -0.86
N LYS A 72 0.76 -22.41 -0.47
CA LYS A 72 1.93 -21.77 -1.05
C LYS A 72 1.99 -21.65 -2.58
N GLU A 73 1.95 -22.80 -3.26
CA GLU A 73 2.04 -22.83 -4.71
C GLU A 73 0.88 -22.14 -5.40
N GLN A 74 -0.31 -22.27 -4.83
CA GLN A 74 -1.49 -21.62 -5.39
C GLN A 74 -1.39 -20.11 -5.20
N ALA A 75 -0.90 -19.68 -4.05
CA ALA A 75 -0.80 -18.26 -3.76
C ALA A 75 0.27 -17.61 -4.61
N GLU A 76 1.39 -18.28 -4.78
CA GLU A 76 2.45 -17.71 -5.58
C GLU A 76 2.06 -17.69 -7.05
N GLY A 77 1.27 -18.68 -7.47
CA GLY A 77 0.80 -18.75 -8.85
C GLY A 77 -0.16 -17.61 -9.23
N ILE A 78 -1.26 -17.46 -8.51
CA ILE A 78 -2.19 -16.39 -8.84
C ILE A 78 -1.48 -15.04 -8.67
N ARG A 79 -0.44 -15.02 -7.84
CA ARG A 79 0.35 -13.82 -7.61
C ARG A 79 1.19 -13.47 -8.86
N GLU A 80 1.71 -14.49 -9.53
CA GLU A 80 2.51 -14.29 -10.73
C GLU A 80 1.59 -13.82 -11.88
N PHE A 81 0.36 -14.33 -11.87
CA PHE A 81 -0.61 -13.95 -12.84
C PHE A 81 -0.96 -12.47 -12.60
N ALA A 82 -0.99 -12.09 -11.33
CA ALA A 82 -1.29 -10.72 -10.95
C ALA A 82 -0.20 -9.76 -11.40
N LYS A 83 1.06 -10.19 -11.26
CA LYS A 83 2.19 -9.35 -11.66
C LYS A 83 2.24 -9.23 -13.18
N ARG A 84 1.97 -10.32 -13.88
CA ARG A 84 1.96 -10.28 -15.33
C ARG A 84 0.89 -9.30 -15.84
N SER A 85 -0.34 -9.52 -15.40
CA SER A 85 -1.50 -8.73 -15.79
C SER A 85 -1.43 -7.30 -15.31
N GLY A 86 -0.70 -7.07 -14.23
CA GLY A 86 -0.60 -5.73 -13.70
C GLY A 86 -1.88 -5.33 -12.98
N GLY A 87 -2.70 -6.32 -12.64
CA GLY A 87 -3.95 -6.03 -11.94
C GLY A 87 -3.89 -6.10 -10.42
N GLU A 88 -4.78 -5.39 -9.75
CA GLU A 88 -4.82 -5.42 -8.29
C GLU A 88 -5.52 -6.69 -7.86
N LEU A 89 -4.80 -7.51 -7.10
CA LEU A 89 -5.33 -8.78 -6.64
C LEU A 89 -5.90 -8.73 -5.22
N PHE A 90 -7.11 -9.28 -5.05
CA PHE A 90 -7.79 -9.32 -3.75
C PHE A 90 -8.20 -10.73 -3.33
N LEU A 91 -8.29 -10.93 -2.02
CA LEU A 91 -8.76 -12.20 -1.48
C LEU A 91 -10.19 -11.96 -0.96
N GLY A 92 -11.17 -12.63 -1.55
CA GLY A 92 -12.53 -12.47 -1.08
C GLY A 92 -12.92 -13.67 -0.25
N VAL A 93 -13.33 -13.47 1.01
CA VAL A 93 -13.72 -14.60 1.85
C VAL A 93 -15.18 -14.61 2.25
N LYS A 94 -15.82 -15.77 2.10
CA LYS A 94 -17.21 -15.87 2.49
C LYS A 94 -17.33 -16.62 3.82
N LEU A 95 -17.55 -15.86 4.90
CA LEU A 95 -17.72 -16.45 6.20
C LEU A 95 -19.18 -16.84 6.30
N PRO A 96 -19.54 -17.62 7.32
CA PRO A 96 -20.94 -18.04 7.48
C PRO A 96 -21.98 -16.95 7.27
N LYS A 97 -21.81 -15.82 7.95
CA LYS A 97 -22.78 -14.74 7.88
C LYS A 97 -22.25 -13.48 7.21
N MET A 98 -21.09 -13.58 6.56
CA MET A 98 -20.56 -12.38 5.89
C MET A 98 -19.54 -12.66 4.78
N LEU A 99 -19.43 -11.69 3.88
CA LEU A 99 -18.52 -11.70 2.74
C LEU A 99 -17.53 -10.55 2.87
N ARG A 100 -16.25 -10.87 2.80
CA ARG A 100 -15.22 -9.84 2.93
C ARG A 100 -14.12 -9.94 1.87
N PHE A 101 -13.42 -8.83 1.69
CA PHE A 101 -12.34 -8.71 0.72
C PHE A 101 -11.19 -7.93 1.32
N ILE A 102 -9.98 -8.44 1.18
CA ILE A 102 -8.80 -7.71 1.64
C ILE A 102 -7.80 -7.77 0.48
N LYS A 103 -6.79 -6.90 0.51
CA LYS A 103 -5.76 -6.90 -0.52
C LYS A 103 -4.99 -8.20 -0.32
N PHE A 104 -4.73 -8.90 -1.40
CA PHE A 104 -4.00 -10.15 -1.31
C PHE A 104 -2.64 -9.97 -0.59
N ASP A 105 -2.15 -8.74 -0.61
CA ASP A 105 -0.88 -8.39 0.04
C ASP A 105 -0.93 -8.50 1.56
N MET A 106 -2.13 -8.67 2.11
CA MET A 106 -2.27 -8.80 3.56
C MET A 106 -1.92 -10.20 4.04
N LEU A 107 -1.86 -11.16 3.12
CA LEU A 107 -1.50 -12.52 3.51
C LEU A 107 0.00 -12.59 3.81
N ARG A 108 0.38 -13.01 5.02
CA ARG A 108 1.80 -13.12 5.36
C ARG A 108 2.20 -14.61 5.27
N GLN A 109 3.39 -14.86 4.75
CA GLN A 109 3.84 -16.23 4.61
C GLN A 109 4.11 -16.83 5.98
N THR A 110 3.57 -18.02 6.22
CA THR A 110 3.75 -18.71 7.50
C THR A 110 5.11 -19.40 7.56
N GLU A 111 5.49 -19.80 8.76
CA GLU A 111 6.76 -20.49 8.99
C GLU A 111 6.85 -21.68 8.03
N GLY A 112 5.77 -22.44 7.94
CA GLY A 112 5.72 -23.60 7.07
C GLY A 112 5.84 -23.32 5.57
N GLY A 113 5.51 -22.09 5.15
CA GLY A 113 5.62 -21.74 3.74
C GLY A 113 4.33 -21.29 3.05
N ASN A 114 3.20 -21.52 3.70
CA ASN A 114 1.95 -21.12 3.11
C ASN A 114 1.67 -19.68 3.49
N TYR A 115 0.49 -19.20 3.18
CA TYR A 115 0.15 -17.83 3.48
C TYR A 115 -1.12 -17.82 4.28
N ALA A 116 -1.21 -16.84 5.19
CA ALA A 116 -2.36 -16.75 6.05
C ALA A 116 -2.63 -15.36 6.53
N ILE A 117 -3.85 -15.20 7.02
CA ILE A 117 -4.35 -13.95 7.54
C ILE A 117 -5.31 -14.37 8.66
N ASP A 118 -5.30 -13.64 9.76
CA ASP A 118 -6.19 -13.94 10.88
C ASP A 118 -7.63 -13.57 10.53
N LEU A 119 -8.61 -14.38 10.93
CA LEU A 119 -10.01 -14.08 10.59
C LEU A 119 -10.43 -12.71 11.12
N GLU A 120 -9.70 -12.22 12.09
CA GLU A 120 -10.00 -10.92 12.67
C GLU A 120 -9.90 -9.87 11.56
N THR A 121 -8.80 -9.91 10.84
CA THR A 121 -8.54 -8.94 9.78
C THR A 121 -9.58 -8.97 8.68
N VAL A 122 -9.93 -10.18 8.26
CA VAL A 122 -10.93 -10.39 7.23
C VAL A 122 -12.29 -9.82 7.66
N GLU A 123 -12.64 -10.04 8.92
CA GLU A 123 -13.92 -9.55 9.40
C GLU A 123 -13.98 -8.05 9.28
N LYS A 124 -12.83 -7.41 9.53
CA LYS A 124 -12.72 -5.96 9.48
C LYS A 124 -12.36 -5.51 8.05
N GLY A 125 -12.33 -6.46 7.13
CA GLY A 125 -12.02 -6.15 5.75
C GLY A 125 -13.15 -5.36 5.12
N MET A 126 -13.12 -5.18 3.80
CA MET A 126 -14.19 -4.42 3.17
C MET A 126 -15.27 -5.28 2.57
N GLU A 127 -16.45 -4.67 2.40
CA GLU A 127 -17.55 -5.39 1.79
C GLU A 127 -17.51 -5.06 0.32
N LEU A 128 -18.37 -5.71 -0.45
CA LEU A 128 -18.41 -5.50 -1.89
C LEU A 128 -18.48 -4.02 -2.23
N GLU A 129 -19.44 -3.33 -1.61
CA GLU A 129 -19.62 -1.91 -1.84
C GLU A 129 -18.36 -1.12 -1.55
N ASP A 130 -17.57 -1.58 -0.60
CA ASP A 130 -16.33 -0.86 -0.28
C ASP A 130 -15.30 -1.20 -1.35
N LEU A 131 -15.31 -2.46 -1.78
CA LEU A 131 -14.36 -2.86 -2.81
C LEU A 131 -14.62 -1.97 -4.00
N VAL A 132 -15.90 -1.82 -4.31
CA VAL A 132 -16.33 -1.01 -5.44
C VAL A 132 -15.91 0.44 -5.28
N ARG A 133 -16.19 1.05 -4.13
CA ARG A 133 -15.79 2.45 -3.95
C ARG A 133 -14.29 2.59 -4.17
N TYR A 134 -13.55 1.61 -3.66
CA TYR A 134 -12.11 1.61 -3.79
C TYR A 134 -11.72 1.56 -5.27
N VAL A 135 -12.34 0.64 -6.00
CA VAL A 135 -12.06 0.53 -7.41
C VAL A 135 -12.36 1.85 -8.12
N GLU A 136 -13.48 2.47 -7.78
CA GLU A 136 -13.84 3.76 -8.38
C GLU A 136 -12.81 4.84 -8.17
N SER A 137 -12.20 4.88 -6.98
CA SER A 137 -11.21 5.90 -6.68
C SER A 137 -9.94 5.66 -7.47
N LYS A 138 -9.73 4.42 -7.91
CA LYS A 138 -8.55 4.09 -8.70
C LYS A 138 -8.77 4.49 -10.14
N ILE A 139 -10.03 4.50 -10.54
CA ILE A 139 -10.40 4.92 -11.88
C ILE A 139 -10.16 6.41 -11.91
N SER A 140 -10.66 7.11 -10.90
CA SER A 140 -10.51 8.55 -10.82
C SER A 140 -9.04 8.93 -10.85
N ARG A 141 -8.23 8.17 -10.12
CA ARG A 141 -6.79 8.40 -10.06
C ARG A 141 -6.23 8.43 -11.48
N THR A 142 -6.67 7.45 -12.27
CA THR A 142 -6.25 7.32 -13.64
C THR A 142 -6.56 8.54 -14.50
N LEU A 143 -7.70 9.17 -14.24
CA LEU A 143 -8.16 10.35 -14.99
C LEU A 143 -7.71 11.70 -14.40
N ASP A 144 -7.16 11.68 -13.19
CA ASP A 144 -6.70 12.89 -12.51
C ASP A 144 -5.43 13.45 -13.15
N SER A 145 -5.18 14.73 -12.92
CA SER A 145 -4.01 15.41 -13.45
C SER A 145 -3.69 16.40 -12.34
N PHE A 146 -2.45 16.85 -12.22
CA PHE A 146 -2.19 17.79 -11.15
C PHE A 146 -2.16 19.23 -11.54
N LEU A 147 -1.27 19.99 -10.90
CA LEU A 147 -1.12 21.41 -11.14
C LEU A 147 -2.53 21.95 -11.12
N SER B 12 8.38 -3.39 2.95
CA SER B 12 8.70 -4.08 4.22
C SER B 12 10.20 -4.19 4.40
N SER B 13 10.88 -4.78 3.42
CA SER B 13 12.32 -4.92 3.48
C SER B 13 12.97 -3.55 3.28
N VAL B 14 12.42 -2.75 2.36
CA VAL B 14 12.96 -1.40 2.14
C VAL B 14 12.98 -0.66 3.48
N GLU B 15 11.90 -0.80 4.24
CA GLU B 15 11.80 -0.17 5.53
C GLU B 15 12.95 -0.68 6.38
N ARG B 16 13.02 -2.01 6.53
CA ARG B 16 14.05 -2.64 7.32
C ARG B 16 15.42 -2.08 6.89
N TYR B 17 15.61 -1.96 5.59
CA TYR B 17 16.87 -1.45 5.08
C TYR B 17 17.13 -0.05 5.60
N ILE B 18 16.21 0.87 5.29
CA ILE B 18 16.31 2.27 5.73
C ILE B 18 16.56 2.32 7.24
N VAL B 19 15.76 1.55 7.96
CA VAL B 19 15.87 1.45 9.40
C VAL B 19 17.27 1.04 9.83
N SER B 20 17.78 -0.04 9.24
CA SER B 20 19.13 -0.49 9.60
C SER B 20 20.09 0.65 9.35
N ARG B 21 20.01 1.20 8.14
CA ARG B 21 20.86 2.29 7.72
C ARG B 21 20.91 3.47 8.70
N LEU B 22 19.76 4.01 9.05
CA LEU B 22 19.73 5.15 9.98
C LEU B 22 20.25 4.70 11.34
N ARG B 23 20.03 3.43 11.68
CA ARG B 23 20.54 2.93 12.94
C ARG B 23 22.07 2.91 12.94
N ASP B 24 22.67 2.52 11.83
CA ASP B 24 24.13 2.50 11.75
C ASP B 24 24.68 3.92 11.78
N LYS B 25 23.80 4.89 11.54
CA LYS B 25 24.20 6.29 11.53
C LYS B 25 23.85 7.00 12.84
N GLY B 26 23.53 6.22 13.87
CA GLY B 26 23.22 6.81 15.16
C GLY B 26 21.82 7.29 15.46
N PHE B 27 20.85 6.87 14.66
CA PHE B 27 19.44 7.26 14.85
C PHE B 27 18.68 6.28 15.72
N ALA B 28 17.75 6.82 16.52
CA ALA B 28 16.86 6.02 17.35
C ALA B 28 15.69 5.83 16.38
N VAL B 29 15.42 4.60 15.96
CA VAL B 29 14.37 4.38 14.97
C VAL B 29 13.27 3.42 15.38
N ILE B 30 12.04 3.68 14.94
CA ILE B 30 10.88 2.84 15.23
C ILE B 30 9.98 2.71 13.98
N ARG B 31 9.32 1.57 13.82
CA ARG B 31 8.42 1.35 12.68
C ARG B 31 6.95 1.24 13.14
N ALA B 32 6.10 0.68 12.28
CA ALA B 32 4.68 0.52 12.61
C ALA B 32 4.11 1.82 13.17
N ARG B 39 -5.48 7.44 12.51
CA ARG B 39 -5.61 6.04 12.01
C ARG B 39 -4.23 5.41 11.81
N LYS B 40 -4.24 4.11 11.51
CA LYS B 40 -3.03 3.35 11.27
C LYS B 40 -2.27 3.83 10.03
N ASP B 41 -3.05 4.17 8.99
CA ASP B 41 -2.50 4.66 7.72
C ASP B 41 -1.84 6.02 7.92
N HIS B 42 -2.38 6.79 8.85
CA HIS B 42 -1.89 8.14 9.14
C HIS B 42 -0.59 8.24 9.90
N VAL B 43 -0.03 7.11 10.34
CA VAL B 43 1.24 7.20 11.03
C VAL B 43 2.39 6.90 10.07
N PRO B 44 3.46 7.73 10.11
CA PRO B 44 4.63 7.54 9.25
C PRO B 44 5.16 6.15 9.52
N ASP B 45 5.63 5.46 8.47
CA ASP B 45 6.17 4.12 8.63
C ASP B 45 7.39 4.15 9.52
N ILE B 46 8.20 5.19 9.36
CA ILE B 46 9.42 5.31 10.13
C ILE B 46 9.60 6.61 10.89
N ILE B 47 9.99 6.47 12.15
CA ILE B 47 10.26 7.60 13.00
C ILE B 47 11.71 7.41 13.42
N ALA B 48 12.53 8.38 13.06
CA ALA B 48 13.94 8.33 13.36
C ALA B 48 14.26 9.56 14.13
N LEU B 49 15.00 9.40 15.22
CA LEU B 49 15.34 10.51 16.08
C LEU B 49 16.84 10.60 16.29
N LYS B 50 17.36 11.81 16.32
CA LYS B 50 18.77 12.01 16.53
C LYS B 50 19.07 13.42 16.96
N SER B 51 19.74 13.53 18.10
CA SER B 51 20.14 14.78 18.69
C SER B 51 19.05 15.83 18.76
N GLY B 52 17.84 15.38 19.07
CA GLY B 52 16.71 16.28 19.22
C GLY B 52 16.04 16.61 17.91
N VAL B 53 16.46 15.93 16.84
CA VAL B 53 15.87 16.19 15.54
C VAL B 53 14.95 15.04 15.17
N ILE B 54 13.78 15.39 14.63
CA ILE B 54 12.77 14.40 14.27
C ILE B 54 12.57 14.24 12.74
N ILE B 55 12.72 13.00 12.25
CA ILE B 55 12.48 12.74 10.85
C ILE B 55 11.48 11.57 10.71
N LEU B 56 10.42 11.84 9.96
CA LEU B 56 9.37 10.87 9.73
C LEU B 56 9.47 10.45 8.26
N ILE B 57 9.23 9.19 7.96
CA ILE B 57 9.34 8.77 6.58
C ILE B 57 8.24 7.82 6.19
N GLU B 58 7.52 8.21 5.15
CA GLU B 58 6.46 7.38 4.61
C GLU B 58 7.17 6.68 3.45
N VAL B 59 7.15 5.36 3.48
CA VAL B 59 7.80 4.55 2.47
C VAL B 59 6.89 4.13 1.31
N LYS B 60 7.35 4.39 0.09
CA LYS B 60 6.63 4.04 -1.14
C LYS B 60 7.59 3.33 -2.10
N SER B 61 7.32 2.05 -2.35
CA SER B 61 8.14 1.23 -3.22
C SER B 61 7.54 1.13 -4.64
N ARG B 62 8.38 1.29 -5.66
CA ARG B 62 7.91 1.21 -7.05
C ARG B 62 8.95 0.61 -8.00
N LYS B 67 4.74 6.83 -11.03
CA LYS B 67 4.22 8.11 -10.48
C LYS B 67 3.54 7.85 -9.13
N ILE B 68 4.03 8.49 -8.06
CA ILE B 68 3.47 8.31 -6.73
C ILE B 68 2.24 9.17 -6.50
N TYR B 69 1.20 8.54 -5.98
CA TYR B 69 -0.09 9.15 -5.75
C TYR B 69 -0.60 8.79 -4.36
N ILE B 70 -1.19 9.74 -3.65
CA ILE B 70 -1.71 9.43 -2.33
C ILE B 70 -3.00 10.14 -2.05
N GLU B 71 -4.00 9.37 -1.61
CA GLU B 71 -5.32 9.86 -1.29
C GLU B 71 -5.34 11.02 -0.30
N LYS B 72 -6.15 12.01 -0.62
CA LYS B 72 -6.30 13.21 0.20
C LYS B 72 -6.22 13.02 1.71
N GLU B 73 -7.08 12.17 2.26
CA GLU B 73 -7.12 11.95 3.70
C GLU B 73 -5.91 11.28 4.33
N GLN B 74 -5.22 10.43 3.60
CA GLN B 74 -4.05 9.82 4.18
C GLN B 74 -2.95 10.88 4.23
N ALA B 75 -2.85 11.68 3.17
CA ALA B 75 -1.81 12.70 3.12
C ALA B 75 -2.01 13.74 4.22
N GLU B 76 -3.21 14.28 4.32
CA GLU B 76 -3.49 15.27 5.34
C GLU B 76 -3.34 14.59 6.70
N GLY B 77 -3.62 13.30 6.75
CA GLY B 77 -3.50 12.52 7.97
C GLY B 77 -2.09 12.39 8.52
N ILE B 78 -1.14 11.97 7.68
CA ILE B 78 0.22 11.83 8.15
C ILE B 78 0.84 13.23 8.27
N ARG B 79 0.26 14.19 7.57
CA ARG B 79 0.74 15.57 7.63
C ARG B 79 0.44 16.19 9.01
N GLU B 80 -0.75 15.90 9.53
CA GLU B 80 -1.18 16.39 10.82
C GLU B 80 -0.27 15.80 11.92
N PHE B 81 0.15 14.56 11.71
CA PHE B 81 1.03 13.91 12.67
C PHE B 81 2.36 14.63 12.63
N ALA B 82 2.82 14.92 11.42
CA ALA B 82 4.07 15.62 11.27
C ALA B 82 3.97 16.97 11.95
N LYS B 83 2.88 17.70 11.65
CA LYS B 83 2.67 19.02 12.21
C LYS B 83 2.57 18.98 13.73
N ARG B 84 1.84 18.02 14.29
CA ARG B 84 1.77 17.90 15.74
C ARG B 84 3.18 17.64 16.29
N SER B 85 3.88 16.69 15.68
CA SER B 85 5.21 16.34 16.13
C SER B 85 6.25 17.43 16.01
N GLY B 86 6.06 18.32 15.04
CA GLY B 86 7.03 19.37 14.82
C GLY B 86 8.22 18.75 14.10
N GLY B 87 8.00 17.53 13.58
CA GLY B 87 9.05 16.82 12.85
C GLY B 87 9.12 17.06 11.34
N GLU B 88 10.19 16.58 10.72
CA GLU B 88 10.40 16.75 9.28
C GLU B 88 9.91 15.52 8.57
N LEU B 89 8.86 15.71 7.77
CA LEU B 89 8.25 14.61 7.04
C LEU B 89 8.82 14.41 5.64
N PHE B 90 9.19 13.18 5.33
CA PHE B 90 9.76 12.84 4.03
C PHE B 90 9.10 11.64 3.39
N LEU B 91 9.29 11.55 2.09
CA LEU B 91 8.79 10.45 1.29
C LEU B 91 10.04 9.62 0.96
N GLY B 92 10.06 8.36 1.39
CA GLY B 92 11.20 7.49 1.13
C GLY B 92 10.81 6.60 -0.03
N VAL B 93 11.39 6.85 -1.21
CA VAL B 93 11.02 6.08 -2.40
C VAL B 93 12.08 5.17 -2.99
N LYS B 94 11.68 3.92 -3.20
CA LYS B 94 12.54 2.91 -3.80
C LYS B 94 12.14 2.73 -5.27
N LEU B 95 12.93 3.32 -6.15
CA LEU B 95 12.67 3.20 -7.57
C LEU B 95 13.27 1.89 -8.04
N PRO B 96 12.93 1.47 -9.27
CA PRO B 96 13.49 0.21 -9.77
C PRO B 96 14.99 0.05 -9.48
N LYS B 97 15.78 1.11 -9.69
CA LYS B 97 17.21 1.03 -9.45
C LYS B 97 17.86 2.08 -8.52
N MET B 98 17.07 2.71 -7.65
CA MET B 98 17.63 3.70 -6.73
C MET B 98 16.72 4.01 -5.55
N LEU B 99 17.31 4.60 -4.52
CA LEU B 99 16.58 4.99 -3.31
C LEU B 99 16.73 6.50 -3.12
N ARG B 100 15.60 7.19 -3.01
CA ARG B 100 15.63 8.64 -2.86
C ARG B 100 14.76 9.19 -1.74
N PHE B 101 15.03 10.43 -1.34
CA PHE B 101 14.27 11.11 -0.30
C PHE B 101 13.90 12.54 -0.67
N ILE B 102 12.59 12.79 -0.69
CA ILE B 102 12.08 14.12 -1.00
C ILE B 102 11.15 14.56 0.12
N LYS B 103 11.21 15.84 0.42
CA LYS B 103 10.39 16.44 1.44
C LYS B 103 8.96 16.11 1.06
N PHE B 104 8.14 15.80 2.05
CA PHE B 104 6.75 15.46 1.77
C PHE B 104 6.04 16.65 1.13
N ASP B 105 6.52 17.85 1.48
CA ASP B 105 5.96 19.11 0.98
C ASP B 105 5.99 19.17 -0.54
N MET B 106 6.89 18.39 -1.13
CA MET B 106 7.03 18.37 -2.58
C MET B 106 5.88 17.71 -3.34
N LEU B 107 4.97 17.04 -2.62
CA LEU B 107 3.79 16.45 -3.26
C LEU B 107 2.91 17.61 -3.73
N ARG B 108 2.44 17.56 -4.98
CA ARG B 108 1.56 18.61 -5.52
C ARG B 108 0.10 18.12 -5.56
N GLN B 109 -0.84 18.99 -5.23
CA GLN B 109 -2.23 18.59 -5.23
C GLN B 109 -2.78 18.38 -6.66
N THR B 110 -3.68 17.41 -6.78
CA THR B 110 -4.30 17.06 -8.06
C THR B 110 -5.67 17.71 -8.21
N GLU B 111 -6.21 17.64 -9.42
CA GLU B 111 -7.53 18.21 -9.70
C GLU B 111 -8.59 17.43 -8.96
N GLY B 112 -8.32 16.15 -8.72
CA GLY B 112 -9.28 15.34 -7.99
C GLY B 112 -9.21 15.68 -6.52
N GLY B 113 -8.21 16.48 -6.13
CA GLY B 113 -8.06 16.86 -4.74
C GLY B 113 -7.03 16.02 -3.98
N ASN B 114 -6.35 15.12 -4.68
CA ASN B 114 -5.33 14.27 -4.08
C ASN B 114 -3.94 14.90 -4.11
N TYR B 115 -2.94 14.08 -3.81
CA TYR B 115 -1.53 14.48 -3.79
C TYR B 115 -0.65 13.50 -4.55
N ALA B 116 0.20 14.02 -5.41
CA ALA B 116 1.07 13.17 -6.21
C ALA B 116 2.37 13.87 -6.54
N ILE B 117 3.30 13.11 -7.09
CA ILE B 117 4.63 13.58 -7.48
C ILE B 117 5.15 12.61 -8.54
N ASP B 118 5.84 13.12 -9.56
CA ASP B 118 6.37 12.21 -10.58
C ASP B 118 7.75 11.72 -10.13
N LEU B 119 8.17 10.56 -10.66
CA LEU B 119 9.44 9.97 -10.27
C LEU B 119 10.67 10.77 -10.69
N GLU B 120 10.52 11.65 -11.68
CA GLU B 120 11.63 12.46 -12.13
C GLU B 120 12.11 13.31 -10.96
N THR B 121 11.16 13.97 -10.32
CA THR B 121 11.44 14.83 -9.18
C THR B 121 12.09 14.05 -8.05
N VAL B 122 11.59 12.83 -7.82
CA VAL B 122 12.10 11.95 -6.78
C VAL B 122 13.55 11.61 -7.06
N GLU B 123 13.82 11.31 -8.33
CA GLU B 123 15.16 10.94 -8.76
C GLU B 123 16.21 11.98 -8.36
N LYS B 124 15.87 13.26 -8.47
CA LYS B 124 16.83 14.30 -8.11
C LYS B 124 16.85 14.52 -6.60
N GLY B 125 15.95 13.83 -5.91
CA GLY B 125 15.88 13.94 -4.47
C GLY B 125 17.18 13.51 -3.82
N MET B 126 17.19 13.49 -2.49
CA MET B 126 18.40 13.11 -1.78
C MET B 126 18.61 11.62 -1.56
N GLU B 127 19.88 11.23 -1.55
CA GLU B 127 20.24 9.86 -1.29
C GLU B 127 20.20 9.70 0.23
N LEU B 128 20.15 8.46 0.69
CA LEU B 128 20.12 8.19 2.09
C LEU B 128 21.19 9.02 2.80
N GLU B 129 22.37 9.04 2.22
CA GLU B 129 23.49 9.77 2.81
C GLU B 129 23.33 11.29 2.83
N ASP B 130 22.60 11.84 1.87
CA ASP B 130 22.36 13.28 1.83
C ASP B 130 21.36 13.64 2.92
N LEU B 131 20.42 12.73 3.16
CA LEU B 131 19.41 12.94 4.19
C LEU B 131 20.09 13.07 5.55
N VAL B 132 21.05 12.20 5.84
CA VAL B 132 21.77 12.24 7.11
C VAL B 132 22.46 13.60 7.30
N ARG B 133 23.16 14.06 6.26
CA ARG B 133 23.84 15.35 6.33
C ARG B 133 22.80 16.44 6.49
N TYR B 134 21.64 16.21 5.92
CA TYR B 134 20.57 17.19 6.02
C TYR B 134 20.17 17.29 7.50
N VAL B 135 20.13 16.15 8.19
CA VAL B 135 19.78 16.12 9.61
C VAL B 135 20.88 16.80 10.42
N GLU B 136 22.13 16.54 10.07
CA GLU B 136 23.23 17.16 10.80
C GLU B 136 23.08 18.67 10.72
N SER B 137 22.65 19.17 9.57
CA SER B 137 22.47 20.61 9.44
C SER B 137 21.38 21.08 10.40
N LYS B 138 20.30 20.31 10.50
CA LYS B 138 19.20 20.65 11.39
C LYS B 138 19.67 20.65 12.85
N ILE B 139 20.61 19.78 13.16
CA ILE B 139 21.14 19.66 14.50
C ILE B 139 22.00 20.86 14.80
N SER B 140 22.85 21.23 13.84
CA SER B 140 23.70 22.42 14.03
C SER B 140 22.79 23.58 14.41
N ARG B 141 21.78 23.84 13.59
CA ARG B 141 20.85 24.93 13.85
C ARG B 141 20.19 24.81 15.23
N THR B 142 20.11 23.60 15.76
CA THR B 142 19.53 23.38 17.07
C THR B 142 20.33 24.11 18.14
N LEU B 143 21.61 24.31 17.88
CA LEU B 143 22.50 24.97 18.83
C LEU B 143 22.37 26.49 18.90
N ASP B 144 21.52 27.06 18.07
CA ASP B 144 21.33 28.51 18.07
C ASP B 144 19.96 28.94 18.55
N SER B 145 19.39 28.17 19.48
CA SER B 145 18.07 28.49 20.00
C SER B 145 17.70 27.63 21.21
#